data_1OO9
#
_entry.id   1OO9
#
_cell.length_a   1.000
_cell.length_b   1.000
_cell.length_c   1.000
_cell.angle_alpha   90.00
_cell.angle_beta   90.00
_cell.angle_gamma   90.00
#
_symmetry.space_group_name_H-M   'P 1'
#
loop_
_entity.id
_entity.type
_entity.pdbx_description
1 polymer Stromelysin-1
2 polymer 'Metalloproteinase inhibitor 1'
#
loop_
_entity_poly.entity_id
_entity_poly.type
_entity_poly.pdbx_seq_one_letter_code
_entity_poly.pdbx_strand_id
1 'polypeptide(L)'
;FRTFPGIPKWRKTHLTYRIVNYTPDLPKDAVDSAVEKALKVWEEVTPLTFSRLYEGEADIMISFAVREHGDFYPFDGPGN
VLAHAYAPGPGINGDAHFDDDEQWTKDTTGTNLFLVAAHEIGHSLGLFHSANTEALMYPLYHSLTDLTRFRLSQDDINGI
QSLYGPPP
;
A
2 'polypeptide(L)'
;CTCVPPHPQTAFCNSDLVIRAKFVGTPEVNQTTLYQRYEIKMTKMYKGFQALGDAADIRFVYTPAMESVCGYFHRSHNRS
EEFLIAGKLQDGLLHITTCSFVAPWNSLSLAQRRGFTKTYTVGCEE
;
B
#
# COMPACT_ATOMS: atom_id res chain seq x y z
N PHE A 1 -4.93 -16.35 -10.08
CA PHE A 1 -6.32 -15.93 -10.23
C PHE A 1 -6.65 -15.95 -11.70
N ARG A 2 -7.63 -15.17 -12.16
CA ARG A 2 -8.08 -15.11 -13.52
C ARG A 2 -7.04 -14.57 -14.48
N THR A 3 -6.29 -13.54 -14.07
CA THR A 3 -5.27 -12.99 -14.96
C THR A 3 -3.90 -12.91 -14.31
N PHE A 4 -3.84 -12.38 -13.09
CA PHE A 4 -2.57 -12.34 -12.37
C PHE A 4 -2.46 -13.65 -11.60
N PRO A 5 -1.23 -14.18 -11.38
CA PRO A 5 -1.08 -15.43 -10.65
C PRO A 5 -1.45 -15.25 -9.21
N GLY A 6 -1.80 -16.38 -8.56
CA GLY A 6 -2.19 -16.34 -7.16
C GLY A 6 -3.46 -17.11 -6.87
N ILE A 7 -3.58 -17.57 -5.61
CA ILE A 7 -4.77 -18.32 -5.18
C ILE A 7 -5.44 -17.67 -3.97
N PRO A 8 -6.77 -17.85 -3.78
CA PRO A 8 -7.48 -17.23 -2.67
C PRO A 8 -6.98 -17.56 -1.28
N LYS A 9 -6.52 -18.81 -1.09
CA LYS A 9 -6.00 -19.24 0.19
C LYS A 9 -4.96 -20.33 -0.01
N TRP A 10 -4.11 -20.50 1.02
CA TRP A 10 -3.09 -21.53 0.96
C TRP A 10 -3.76 -22.87 1.18
N ARG A 11 -3.48 -23.85 0.30
CA ARG A 11 -4.09 -25.18 0.45
C ARG A 11 -3.37 -26.10 1.42
N LYS A 12 -2.87 -25.49 2.51
CA LYS A 12 -2.16 -26.19 3.56
C LYS A 12 -2.16 -25.28 4.77
N THR A 13 -2.07 -25.87 5.97
CA THR A 13 -2.09 -25.10 7.21
C THR A 13 -0.73 -24.74 7.73
N HIS A 14 0.25 -25.61 7.44
CA HIS A 14 1.58 -25.40 7.96
C HIS A 14 2.44 -24.69 6.94
N LEU A 15 2.57 -23.37 7.13
CA LEU A 15 3.38 -22.56 6.24
C LEU A 15 4.78 -22.36 6.78
N THR A 16 5.68 -22.09 5.83
CA THR A 16 7.09 -21.85 6.08
C THR A 16 7.43 -20.48 5.51
N TYR A 17 8.38 -19.78 6.16
CA TYR A 17 8.77 -18.43 5.72
C TYR A 17 10.25 -18.19 5.94
N ARG A 18 10.82 -17.18 5.24
CA ARG A 18 12.24 -16.85 5.40
C ARG A 18 12.50 -15.35 5.33
N ILE A 19 13.33 -14.86 6.28
CA ILE A 19 13.73 -13.47 6.26
C ILE A 19 14.99 -13.36 5.43
N VAL A 20 14.82 -13.21 4.13
CA VAL A 20 15.94 -13.19 3.19
C VAL A 20 17.14 -12.35 3.60
N ASN A 21 16.96 -11.03 3.76
CA ASN A 21 18.08 -10.17 4.16
C ASN A 21 17.64 -9.27 5.29
N TYR A 22 18.58 -8.47 5.81
CA TYR A 22 18.27 -7.59 6.92
C TYR A 22 18.47 -6.11 6.64
N THR A 23 17.74 -5.31 7.44
CA THR A 23 17.84 -3.87 7.36
C THR A 23 18.87 -3.39 8.36
N PRO A 24 19.79 -2.49 7.96
CA PRO A 24 20.76 -1.95 8.89
C PRO A 24 20.06 -1.24 10.04
N ASP A 25 19.01 -0.47 9.67
CA ASP A 25 18.22 0.30 10.63
C ASP A 25 18.13 -0.37 12.00
N LEU A 26 17.90 -1.70 12.00
CA LEU A 26 17.71 -2.46 13.22
C LEU A 26 18.57 -3.71 13.39
N PRO A 27 18.99 -4.03 14.63
CA PRO A 27 19.79 -5.21 14.90
C PRO A 27 19.10 -6.46 14.43
N LYS A 28 19.83 -7.30 13.69
CA LYS A 28 19.24 -8.53 13.17
C LYS A 28 18.27 -9.21 14.12
N ASP A 29 18.70 -9.40 15.37
CA ASP A 29 17.85 -10.04 16.38
C ASP A 29 16.51 -9.36 16.61
N ALA A 30 16.46 -8.03 16.42
CA ALA A 30 15.21 -7.30 16.60
C ALA A 30 14.25 -7.46 15.42
N VAL A 31 14.79 -7.73 14.22
CA VAL A 31 13.96 -7.97 13.06
C VAL A 31 13.20 -9.26 13.28
N ASP A 32 13.94 -10.28 13.74
CA ASP A 32 13.37 -11.59 14.03
C ASP A 32 12.23 -11.45 15.01
N SER A 33 12.39 -10.57 16.01
CA SER A 33 11.34 -10.36 17.01
C SER A 33 10.10 -9.78 16.37
N ALA A 34 10.29 -8.70 15.60
CA ALA A 34 9.15 -8.05 14.94
C ALA A 34 8.40 -8.97 14.01
N VAL A 35 9.14 -9.63 13.11
CA VAL A 35 8.50 -10.53 12.15
C VAL A 35 7.77 -11.66 12.83
N GLU A 36 8.44 -12.31 13.78
CA GLU A 36 7.83 -13.44 14.48
C GLU A 36 6.64 -13.03 15.30
N LYS A 37 6.77 -11.93 16.05
CA LYS A 37 5.61 -11.47 16.82
C LYS A 37 4.50 -11.20 15.82
N ALA A 38 4.85 -10.65 14.65
CA ALA A 38 3.89 -10.40 13.58
C ALA A 38 3.09 -11.59 13.16
N LEU A 39 3.83 -12.63 12.81
CA LEU A 39 3.19 -13.87 12.39
C LEU A 39 2.27 -14.47 13.43
N LYS A 40 2.72 -14.42 14.70
CA LYS A 40 1.95 -14.99 15.79
C LYS A 40 0.55 -14.40 15.85
N VAL A 41 0.43 -13.12 15.54
CA VAL A 41 -0.86 -12.42 15.57
C VAL A 41 -1.93 -13.19 14.82
N TRP A 42 -1.53 -13.80 13.67
CA TRP A 42 -2.48 -14.58 12.88
C TRP A 42 -2.60 -16.04 13.31
N GLU A 43 -1.56 -16.61 13.92
CA GLU A 43 -1.62 -18.00 14.39
C GLU A 43 -2.61 -18.17 15.52
N GLU A 44 -2.69 -17.16 16.38
CA GLU A 44 -3.60 -17.22 17.51
C GLU A 44 -5.05 -17.32 17.07
N VAL A 45 -5.40 -16.68 15.95
CA VAL A 45 -6.79 -16.68 15.48
C VAL A 45 -7.13 -17.76 14.45
N THR A 46 -6.17 -18.63 14.14
CA THR A 46 -6.39 -19.68 13.15
C THR A 46 -5.63 -20.94 13.51
N PRO A 47 -5.81 -22.05 12.78
CA PRO A 47 -4.99 -23.24 13.02
C PRO A 47 -3.69 -23.24 12.28
N LEU A 48 -3.30 -22.07 11.76
CA LEU A 48 -2.08 -21.95 10.99
C LEU A 48 -0.82 -22.00 11.82
N THR A 49 0.25 -22.54 11.19
CA THR A 49 1.54 -22.68 11.86
C THR A 49 2.61 -22.11 10.95
N PHE A 50 3.65 -21.53 11.57
CA PHE A 50 4.74 -20.92 10.81
C PHE A 50 6.09 -21.43 11.26
N SER A 51 6.84 -22.00 10.31
CA SER A 51 8.16 -22.52 10.59
C SER A 51 9.20 -21.68 9.87
N ARG A 52 10.19 -21.17 10.62
CA ARG A 52 11.21 -20.35 10.01
C ARG A 52 12.27 -21.19 9.34
N LEU A 53 12.76 -20.69 8.19
CA LEU A 53 13.77 -21.39 7.42
C LEU A 53 14.93 -20.45 7.20
N TYR A 54 16.08 -21.01 6.76
CA TYR A 54 17.26 -20.19 6.49
C TYR A 54 17.94 -20.52 5.18
N GLU A 55 17.31 -21.41 4.40
CA GLU A 55 17.85 -21.80 3.12
C GLU A 55 16.70 -22.38 2.34
N GLY A 56 16.82 -22.31 1.00
CA GLY A 56 15.76 -22.82 0.16
C GLY A 56 14.67 -21.78 0.02
N GLU A 57 13.60 -22.18 -0.69
CA GLU A 57 12.47 -21.28 -0.91
C GLU A 57 11.33 -21.60 0.06
N ALA A 58 11.03 -20.62 0.92
CA ALA A 58 9.91 -20.77 1.83
C ALA A 58 8.69 -20.23 1.10
N ASP A 59 7.52 -20.32 1.72
CA ASP A 59 6.31 -19.79 1.09
C ASP A 59 6.44 -18.28 1.08
N ILE A 60 6.60 -17.74 2.29
CA ILE A 60 6.68 -16.31 2.50
C ILE A 60 8.13 -15.85 2.58
N MET A 61 8.58 -15.24 1.48
CA MET A 61 9.93 -14.68 1.41
C MET A 61 9.89 -13.21 1.84
N ILE A 62 10.32 -12.96 3.07
CA ILE A 62 10.36 -11.62 3.61
C ILE A 62 11.70 -10.97 3.30
N SER A 63 11.68 -9.71 2.82
CA SER A 63 12.92 -9.03 2.49
C SER A 63 12.84 -7.52 2.40
N PHE A 64 14.01 -6.87 2.61
CA PHE A 64 14.12 -5.42 2.54
C PHE A 64 14.76 -5.01 1.24
N ALA A 65 14.22 -3.92 0.64
CA ALA A 65 14.75 -3.42 -0.61
C ALA A 65 14.51 -1.93 -0.72
N VAL A 66 15.11 -1.34 -1.76
CA VAL A 66 15.02 0.09 -2.01
C VAL A 66 14.84 0.27 -3.50
N ARG A 67 13.99 1.23 -3.88
CA ARG A 67 13.77 1.52 -5.29
C ARG A 67 13.55 0.24 -6.08
N GLU A 68 14.29 0.02 -7.18
CA GLU A 68 14.16 -1.19 -7.97
C GLU A 68 14.64 -2.40 -7.20
N HIS A 69 13.80 -3.46 -7.17
CA HIS A 69 14.15 -4.68 -6.43
C HIS A 69 13.65 -6.00 -6.97
N GLY A 70 13.54 -6.14 -8.31
CA GLY A 70 13.11 -7.41 -8.88
C GLY A 70 11.71 -7.44 -9.48
N ASP A 71 10.69 -7.27 -8.62
CA ASP A 71 9.31 -7.29 -9.09
C ASP A 71 8.98 -6.02 -9.86
N PHE A 72 7.74 -5.96 -10.40
CA PHE A 72 7.32 -4.82 -11.20
C PHE A 72 6.81 -3.63 -10.42
N TYR A 73 7.14 -3.56 -9.12
CA TYR A 73 6.67 -2.43 -8.33
C TYR A 73 7.80 -1.85 -7.47
N PRO A 74 8.65 -0.98 -8.05
CA PRO A 74 9.73 -0.34 -7.31
C PRO A 74 9.22 0.53 -6.20
N PHE A 75 10.03 0.60 -5.13
CA PHE A 75 9.61 1.38 -3.99
C PHE A 75 9.93 2.85 -4.20
N ASP A 76 9.08 3.70 -3.60
CA ASP A 76 9.15 5.15 -3.77
C ASP A 76 10.08 5.96 -2.91
N GLY A 77 11.21 5.38 -2.49
CA GLY A 77 12.10 6.18 -1.66
C GLY A 77 11.54 6.41 -0.28
N PRO A 78 12.08 7.35 0.52
CA PRO A 78 11.52 7.61 1.84
C PRO A 78 10.11 8.13 1.80
N GLY A 79 9.31 7.66 2.77
CA GLY A 79 7.92 8.07 2.86
C GLY A 79 6.95 7.30 1.97
N ASN A 80 5.70 7.81 1.97
CA ASN A 80 4.60 7.26 1.17
C ASN A 80 4.40 5.76 1.34
N VAL A 81 4.80 4.94 0.35
CA VAL A 81 4.62 3.51 0.38
C VAL A 81 5.73 2.84 1.15
N LEU A 82 5.37 2.29 2.32
CA LEU A 82 6.34 1.67 3.21
C LEU A 82 6.62 0.21 2.90
N ALA A 83 5.62 -0.48 2.33
CA ALA A 83 5.81 -1.89 1.99
C ALA A 83 4.66 -2.46 1.20
N HIS A 84 4.93 -3.62 0.56
CA HIS A 84 3.92 -4.30 -0.24
C HIS A 84 4.07 -5.81 -0.12
N ALA A 85 3.00 -6.54 -0.48
CA ALA A 85 3.01 -7.99 -0.36
C ALA A 85 2.15 -8.65 -1.41
N TYR A 86 2.39 -9.97 -1.57
CA TYR A 86 1.64 -10.73 -2.56
C TYR A 86 0.74 -11.77 -1.96
N ALA A 87 -0.33 -12.11 -2.70
CA ALA A 87 -1.31 -13.09 -2.25
C ALA A 87 -0.82 -14.52 -2.29
N PRO A 88 -1.50 -15.46 -1.61
CA PRO A 88 -1.06 -16.84 -1.64
C PRO A 88 -0.80 -17.35 -3.02
N GLY A 89 0.12 -18.32 -3.14
CA GLY A 89 0.41 -18.88 -4.45
C GLY A 89 1.85 -19.33 -4.67
N PRO A 90 2.19 -19.81 -5.89
CA PRO A 90 3.55 -20.22 -6.19
C PRO A 90 4.51 -19.08 -6.45
N GLY A 91 5.80 -19.35 -6.16
CA GLY A 91 6.85 -18.38 -6.42
C GLY A 91 6.89 -17.13 -5.56
N ILE A 92 6.78 -15.96 -6.22
CA ILE A 92 6.82 -14.67 -5.52
C ILE A 92 5.60 -14.44 -4.64
N ASN A 93 4.58 -15.28 -4.83
CA ASN A 93 3.36 -15.14 -4.05
C ASN A 93 3.58 -15.36 -2.58
N GLY A 94 2.76 -14.68 -1.76
CA GLY A 94 2.92 -14.76 -0.33
C GLY A 94 4.03 -13.92 0.22
N ASP A 95 4.99 -13.58 -0.66
CA ASP A 95 6.16 -12.82 -0.25
C ASP A 95 5.79 -11.43 0.22
N ALA A 96 6.70 -10.85 1.02
CA ALA A 96 6.48 -9.51 1.54
C ALA A 96 7.78 -8.75 1.45
N HIS A 97 7.72 -7.55 0.86
CA HIS A 97 8.91 -6.72 0.72
C HIS A 97 8.73 -5.46 1.54
N PHE A 98 9.87 -4.91 2.03
CA PHE A 98 9.84 -3.73 2.87
C PHE A 98 10.78 -2.62 2.41
N ASP A 99 10.27 -1.38 2.45
CA ASP A 99 11.01 -0.18 2.01
C ASP A 99 12.10 0.21 3.01
N ASP A 100 13.36 -0.11 2.69
CA ASP A 100 14.48 0.19 3.59
C ASP A 100 14.72 1.68 3.80
N ASP A 101 14.31 2.48 2.78
CA ASP A 101 14.42 3.93 2.87
C ASP A 101 13.66 4.49 4.06
N GLU A 102 12.79 3.66 4.66
CA GLU A 102 12.07 4.08 5.83
C GLU A 102 12.93 3.82 7.04
N GLN A 103 12.53 4.44 8.16
CA GLN A 103 13.24 4.28 9.43
C GLN A 103 12.50 3.20 10.19
N TRP A 104 13.05 1.98 10.14
CA TRP A 104 12.44 0.86 10.82
C TRP A 104 12.77 0.82 12.28
N THR A 105 11.75 0.75 13.14
CA THR A 105 11.99 0.71 14.58
C THR A 105 11.12 -0.32 15.25
N LYS A 106 11.65 -0.89 16.34
CA LYS A 106 10.90 -1.86 17.13
C LYS A 106 10.12 -1.16 18.23
N ASP A 107 10.10 0.18 18.19
CA ASP A 107 9.36 0.93 19.18
C ASP A 107 8.56 2.04 18.52
N THR A 108 7.81 2.79 19.36
CA THR A 108 6.98 3.89 18.90
C THR A 108 7.76 5.15 18.59
N THR A 109 8.82 5.01 17.78
CA THR A 109 9.66 6.14 17.38
C THR A 109 10.24 5.85 16.00
N GLY A 110 9.30 5.66 15.06
CA GLY A 110 9.60 5.39 13.68
C GLY A 110 8.55 4.49 13.11
N THR A 111 8.83 3.84 11.97
CA THR A 111 7.83 2.99 11.37
C THR A 111 7.97 1.59 11.93
N ASN A 112 7.06 1.19 12.83
CA ASN A 112 7.06 -0.08 13.52
C ASN A 112 7.00 -1.27 12.60
N LEU A 113 8.16 -1.95 12.46
CA LEU A 113 8.26 -3.10 11.59
C LEU A 113 7.17 -4.13 11.88
N PHE A 114 6.90 -4.37 13.17
CA PHE A 114 5.88 -5.34 13.55
C PHE A 114 4.55 -4.98 12.92
N LEU A 115 4.07 -3.78 13.21
CA LEU A 115 2.80 -3.32 12.67
C LEU A 115 2.66 -3.53 11.19
N VAL A 116 3.70 -3.13 10.45
CA VAL A 116 3.66 -3.32 9.01
C VAL A 116 3.72 -4.78 8.60
N ALA A 117 4.63 -5.56 9.19
CA ALA A 117 4.71 -6.97 8.82
C ALA A 117 3.38 -7.64 9.08
N ALA A 118 2.76 -7.36 10.23
CA ALA A 118 1.48 -7.97 10.55
C ALA A 118 0.46 -7.72 9.45
N HIS A 119 0.47 -6.48 8.95
CA HIS A 119 -0.43 -6.08 7.87
C HIS A 119 -0.07 -6.84 6.60
N GLU A 120 1.20 -6.78 6.19
CA GLU A 120 1.61 -7.44 4.96
C GLU A 120 1.35 -8.94 4.98
N ILE A 121 1.61 -9.60 6.12
CA ILE A 121 1.39 -11.04 6.21
C ILE A 121 -0.06 -11.35 5.93
N GLY A 122 -0.98 -10.49 6.39
CA GLY A 122 -2.39 -10.68 6.12
C GLY A 122 -2.63 -10.88 4.63
N HIS A 123 -1.85 -10.18 3.79
CA HIS A 123 -1.97 -10.30 2.33
C HIS A 123 -1.41 -11.62 1.84
N SER A 124 -0.27 -12.02 2.42
CA SER A 124 0.33 -13.31 2.07
C SER A 124 -0.59 -14.47 2.34
N LEU A 125 -1.49 -14.27 3.32
CA LEU A 125 -2.47 -15.29 3.69
C LEU A 125 -3.77 -15.20 2.92
N GLY A 126 -3.98 -14.09 2.19
CA GLY A 126 -5.19 -13.98 1.38
C GLY A 126 -6.16 -12.88 1.75
N LEU A 127 -5.75 -11.97 2.63
CA LEU A 127 -6.60 -10.86 3.02
C LEU A 127 -6.45 -9.65 2.09
N PHE A 128 -7.49 -8.78 2.11
CA PHE A 128 -7.48 -7.57 1.28
C PHE A 128 -7.51 -6.36 2.19
N HIS A 129 -7.48 -5.15 1.60
CA HIS A 129 -7.55 -3.96 2.41
C HIS A 129 -8.94 -3.79 2.99
N SER A 130 -8.98 -3.25 4.22
CA SER A 130 -10.23 -2.99 4.91
C SER A 130 -10.54 -1.51 4.87
N ALA A 131 -11.85 -1.21 4.99
CA ALA A 131 -12.28 0.19 5.05
C ALA A 131 -12.39 0.59 6.50
N ASN A 132 -12.58 -0.40 7.39
CA ASN A 132 -12.65 -0.14 8.81
C ASN A 132 -11.30 0.39 9.25
N THR A 133 -11.28 1.68 9.63
CA THR A 133 -10.05 2.35 10.07
C THR A 133 -9.40 1.72 11.28
N GLU A 134 -10.21 1.03 12.08
CA GLU A 134 -9.72 0.33 13.27
C GLU A 134 -9.11 -1.03 12.94
N ALA A 135 -9.36 -1.51 11.72
CA ALA A 135 -8.85 -2.80 11.29
C ALA A 135 -7.40 -2.74 10.89
N LEU A 136 -6.59 -3.72 11.34
CA LEU A 136 -5.17 -3.77 10.97
C LEU A 136 -5.02 -3.71 9.47
N MET A 137 -5.90 -4.42 8.75
CA MET A 137 -5.83 -4.46 7.30
C MET A 137 -6.14 -3.13 6.60
N TYR A 138 -6.34 -2.06 7.38
CA TYR A 138 -6.49 -0.71 6.83
C TYR A 138 -5.08 -0.35 6.38
N PRO A 139 -4.88 0.09 5.14
CA PRO A 139 -3.56 0.38 4.61
C PRO A 139 -2.83 1.56 5.19
N LEU A 140 -3.53 2.60 5.62
CA LEU A 140 -2.92 3.78 6.19
C LEU A 140 -2.34 3.54 7.56
N TYR A 141 -1.01 3.58 7.66
CA TYR A 141 -0.28 3.35 8.90
C TYR A 141 -0.70 4.31 9.99
N HIS A 142 -1.47 3.79 10.97
CA HIS A 142 -1.98 4.63 12.06
C HIS A 142 -1.21 4.64 13.37
N SER A 143 0.04 4.14 13.38
CA SER A 143 0.91 4.13 14.56
C SER A 143 0.32 4.39 15.95
N LEU A 144 0.19 3.32 16.74
CA LEU A 144 -0.34 3.42 18.08
C LEU A 144 0.75 3.57 19.14
N THR A 145 0.43 4.34 20.19
CA THR A 145 1.35 4.64 21.28
C THR A 145 1.96 3.43 21.98
N ASP A 146 1.28 2.87 22.99
CA ASP A 146 1.78 1.75 23.73
C ASP A 146 1.54 0.47 22.94
N LEU A 147 2.65 -0.15 22.51
CA LEU A 147 2.59 -1.38 21.70
C LEU A 147 1.96 -2.56 22.44
N THR A 148 2.21 -2.63 23.76
CA THR A 148 1.72 -3.73 24.59
C THR A 148 0.24 -4.04 24.45
N ARG A 149 -0.58 -2.99 24.26
CA ARG A 149 -2.02 -3.19 24.14
C ARG A 149 -2.53 -3.29 22.71
N PHE A 150 -1.68 -3.77 21.79
CA PHE A 150 -2.10 -3.95 20.41
C PHE A 150 -3.14 -5.06 20.34
N ARG A 151 -4.19 -4.82 19.52
CA ARG A 151 -5.30 -5.76 19.42
C ARG A 151 -5.81 -5.82 17.98
N LEU A 152 -6.26 -7.02 17.58
CA LEU A 152 -6.78 -7.23 16.24
C LEU A 152 -8.21 -6.74 16.18
N SER A 153 -8.64 -6.21 15.03
CA SER A 153 -10.03 -5.79 14.94
C SER A 153 -10.85 -7.02 14.71
N GLN A 154 -12.05 -7.07 15.31
CA GLN A 154 -12.93 -8.22 15.13
C GLN A 154 -12.95 -8.51 13.65
N ASP A 155 -13.16 -7.45 12.86
CA ASP A 155 -13.22 -7.57 11.42
C ASP A 155 -12.13 -8.41 10.79
N ASP A 156 -10.88 -8.25 11.27
CA ASP A 156 -9.78 -9.04 10.72
C ASP A 156 -9.95 -10.49 11.11
N ILE A 157 -10.44 -10.71 12.34
CA ILE A 157 -10.66 -12.06 12.82
C ILE A 157 -11.70 -12.73 11.97
N ASN A 158 -12.86 -12.08 11.81
CA ASN A 158 -13.90 -12.64 10.95
C ASN A 158 -13.33 -12.87 9.56
N GLY A 159 -12.43 -11.97 9.13
CA GLY A 159 -11.86 -12.06 7.81
C GLY A 159 -10.97 -13.27 7.59
N ILE A 160 -9.95 -13.39 8.45
CA ILE A 160 -9.01 -14.49 8.34
C ILE A 160 -9.62 -15.86 8.63
N GLN A 161 -10.55 -15.88 9.60
CA GLN A 161 -11.20 -17.15 9.93
C GLN A 161 -12.17 -17.62 8.87
N SER A 162 -12.83 -16.69 8.14
CA SER A 162 -13.73 -17.10 7.05
C SER A 162 -12.98 -17.84 5.94
N LEU A 163 -11.65 -17.85 6.06
CA LEU A 163 -10.78 -18.49 5.10
C LEU A 163 -10.20 -19.75 5.73
N TYR A 164 -9.43 -19.57 6.82
CA TYR A 164 -8.72 -20.69 7.45
C TYR A 164 -9.37 -21.30 8.68
N GLY A 165 -10.57 -20.84 9.03
CA GLY A 165 -11.25 -21.35 10.22
C GLY A 165 -10.60 -20.89 11.52
N PRO A 166 -11.25 -21.05 12.68
CA PRO A 166 -10.63 -20.68 13.95
C PRO A 166 -9.76 -21.80 14.49
N PRO A 167 -8.97 -21.55 15.55
CA PRO A 167 -8.13 -22.62 16.06
C PRO A 167 -8.95 -23.76 16.63
N PRO A 168 -8.47 -25.02 16.44
CA PRO A 168 -9.13 -26.22 16.94
C PRO A 168 -8.79 -26.58 18.36
N CYS B 1 -0.71 -3.81 0.96
CA CYS B 1 -0.03 -2.53 0.92
C CYS B 1 -0.39 -1.72 2.13
N THR B 2 0.63 -1.21 2.83
CA THR B 2 0.36 -0.40 3.99
C THR B 2 1.18 0.85 3.80
N CYS B 3 0.67 1.97 4.31
CA CYS B 3 1.39 3.20 4.14
C CYS B 3 0.97 4.39 4.94
N VAL B 4 1.89 5.35 5.08
CA VAL B 4 1.60 6.56 5.79
C VAL B 4 1.31 7.60 4.73
N PRO B 5 0.09 8.13 4.69
CA PRO B 5 -0.25 9.11 3.68
C PRO B 5 0.54 10.39 3.83
N PRO B 6 0.58 11.23 2.78
CA PRO B 6 1.33 12.45 2.88
C PRO B 6 0.43 13.56 3.37
N HIS B 7 1.05 14.60 3.90
CA HIS B 7 0.37 15.82 4.26
C HIS B 7 0.01 16.44 2.92
N PRO B 8 -1.07 17.20 2.75
CA PRO B 8 -1.32 17.77 1.43
C PRO B 8 -0.15 18.50 0.81
N GLN B 9 0.60 19.27 1.62
CA GLN B 9 1.75 19.99 1.07
C GLN B 9 2.79 19.05 0.47
N THR B 10 3.15 18.00 1.21
CA THR B 10 4.11 17.03 0.66
C THR B 10 3.51 16.38 -0.57
N ALA B 11 2.18 16.17 -0.55
CA ALA B 11 1.49 15.59 -1.70
C ALA B 11 1.70 16.49 -2.91
N PHE B 12 1.62 17.81 -2.69
CA PHE B 12 1.78 18.77 -3.78
C PHE B 12 3.22 18.86 -4.27
N CYS B 13 4.18 18.97 -3.34
CA CYS B 13 5.56 19.12 -3.78
C CYS B 13 6.12 17.92 -4.51
N ASN B 14 5.98 16.72 -3.91
CA ASN B 14 6.58 15.54 -4.52
C ASN B 14 5.86 14.95 -5.72
N SER B 15 4.61 15.37 -5.94
CA SER B 15 3.88 14.87 -7.10
C SER B 15 4.37 15.55 -8.34
N ASP B 16 4.05 14.94 -9.50
CA ASP B 16 4.43 15.52 -10.78
C ASP B 16 3.27 16.34 -11.32
N LEU B 17 2.04 15.87 -11.09
CA LEU B 17 0.87 16.60 -11.55
C LEU B 17 -0.15 16.64 -10.43
N VAL B 18 -0.80 17.82 -10.29
CA VAL B 18 -1.84 17.98 -9.31
C VAL B 18 -2.99 18.50 -10.13
N ILE B 19 -3.73 17.50 -10.63
CA ILE B 19 -4.88 17.70 -11.46
C ILE B 19 -6.15 17.69 -10.65
N ARG B 20 -7.24 18.14 -11.29
CA ARG B 20 -8.57 18.07 -10.70
C ARG B 20 -9.34 17.37 -11.80
N ALA B 21 -10.10 16.31 -11.45
CA ALA B 21 -10.83 15.57 -12.46
C ALA B 21 -11.98 14.73 -11.92
N LYS B 22 -12.71 14.08 -12.84
CA LYS B 22 -13.82 13.23 -12.47
C LYS B 22 -13.53 11.84 -13.01
N PHE B 23 -13.94 10.82 -12.24
CA PHE B 23 -13.76 9.44 -12.65
C PHE B 23 -14.87 9.02 -13.59
N VAL B 24 -14.49 8.83 -14.87
CA VAL B 24 -15.43 8.49 -15.91
C VAL B 24 -15.71 7.01 -16.04
N GLY B 25 -14.69 6.16 -15.83
CA GLY B 25 -14.92 4.73 -16.01
C GLY B 25 -14.37 3.84 -14.92
N THR B 26 -14.92 2.62 -14.87
CA THR B 26 -14.47 1.60 -13.93
C THR B 26 -13.12 1.05 -14.36
N PRO B 27 -12.29 0.53 -13.43
CA PRO B 27 -10.98 -0.02 -13.75
C PRO B 27 -10.92 -1.14 -14.77
N GLU B 28 -9.94 -0.99 -15.68
CA GLU B 28 -9.74 -1.97 -16.74
C GLU B 28 -8.25 -2.14 -17.00
N VAL B 29 -7.81 -3.39 -17.19
CA VAL B 29 -6.42 -3.67 -17.49
C VAL B 29 -6.14 -3.26 -18.92
N ASN B 30 -5.28 -2.23 -19.10
CA ASN B 30 -4.94 -1.72 -20.43
C ASN B 30 -4.02 -2.65 -21.21
N GLN B 31 -2.75 -2.23 -21.44
CA GLN B 31 -1.81 -3.04 -22.19
C GLN B 31 -0.79 -3.69 -21.26
N THR B 32 -1.19 -3.86 -20.00
CA THR B 32 -0.34 -4.51 -19.02
C THR B 32 -1.18 -5.11 -17.92
N THR B 33 -0.87 -6.34 -17.50
CA THR B 33 -1.57 -6.99 -16.40
C THR B 33 -1.29 -6.35 -15.06
N LEU B 34 -0.15 -5.68 -14.96
CA LEU B 34 0.36 -5.05 -13.77
C LEU B 34 -0.37 -3.82 -13.30
N TYR B 35 -0.92 -3.02 -14.23
CA TYR B 35 -1.62 -1.82 -13.82
C TYR B 35 -3.03 -1.81 -14.37
N GLN B 36 -3.92 -1.21 -13.56
CA GLN B 36 -5.30 -1.03 -13.96
C GLN B 36 -5.43 0.46 -14.15
N ARG B 37 -6.29 0.89 -15.09
CA ARG B 37 -6.43 2.31 -15.31
C ARG B 37 -7.86 2.79 -15.29
N TYR B 38 -8.02 4.04 -14.85
CA TYR B 38 -9.34 4.67 -14.80
C TYR B 38 -9.38 5.77 -15.84
N GLU B 39 -10.46 5.84 -16.63
CA GLU B 39 -10.60 6.93 -17.58
C GLU B 39 -11.06 8.11 -16.74
N ILE B 40 -10.39 9.26 -16.91
CA ILE B 40 -10.73 10.44 -16.13
C ILE B 40 -10.92 11.68 -17.00
N LYS B 41 -11.81 12.57 -16.52
CA LYS B 41 -12.09 13.84 -17.19
C LYS B 41 -11.45 14.98 -16.41
N MET B 42 -10.29 15.43 -16.91
CA MET B 42 -9.56 16.51 -16.26
C MET B 42 -10.12 17.90 -16.40
N THR B 43 -10.47 18.54 -15.26
CA THR B 43 -11.01 19.89 -15.31
C THR B 43 -9.92 20.91 -15.09
N LYS B 44 -9.50 21.10 -13.83
CA LYS B 44 -8.48 22.06 -13.49
C LYS B 44 -7.16 21.38 -13.22
N MET B 45 -6.03 21.98 -13.66
CA MET B 45 -4.69 21.44 -13.40
C MET B 45 -3.91 22.43 -12.56
N TYR B 46 -3.63 22.10 -11.28
CA TYR B 46 -2.85 23.00 -10.44
C TYR B 46 -1.35 22.87 -10.55
N LYS B 47 -0.87 21.74 -11.11
CA LYS B 47 0.56 21.53 -11.25
C LYS B 47 0.89 20.52 -12.33
N GLY B 48 2.08 20.70 -12.94
CA GLY B 48 2.54 19.79 -13.96
C GLY B 48 2.43 20.35 -15.36
N PHE B 49 2.54 21.69 -15.48
CA PHE B 49 2.45 22.31 -16.80
C PHE B 49 3.57 21.93 -17.75
N GLN B 50 4.53 21.12 -17.27
CA GLN B 50 5.55 20.50 -18.12
C GLN B 50 5.03 19.16 -18.63
N ALA B 51 3.74 19.12 -18.92
CA ALA B 51 3.00 17.99 -19.43
C ALA B 51 1.65 18.39 -20.03
N LEU B 52 1.40 19.70 -20.18
CA LEU B 52 0.21 20.27 -20.73
C LEU B 52 -1.07 19.80 -20.15
N GLY B 53 -1.77 18.98 -20.88
CA GLY B 53 -3.11 18.64 -20.20
C GLY B 53 -4.40 19.26 -20.53
N ASP B 54 -4.22 20.58 -20.65
CA ASP B 54 -5.31 21.55 -20.81
C ASP B 54 -6.70 21.22 -20.27
N ALA B 55 -7.34 20.23 -20.87
CA ALA B 55 -8.67 19.75 -20.48
C ALA B 55 -8.89 18.32 -20.94
N ALA B 56 -7.95 17.72 -21.71
CA ALA B 56 -8.09 16.36 -22.20
C ALA B 56 -6.82 15.79 -22.81
N ASP B 57 -5.66 15.95 -22.15
CA ASP B 57 -4.48 15.25 -22.62
C ASP B 57 -4.18 14.09 -21.69
N ILE B 58 -4.52 14.30 -20.40
CA ILE B 58 -4.43 13.27 -19.42
C ILE B 58 -5.84 12.76 -19.38
N ARG B 59 -6.06 11.54 -19.91
CA ARG B 59 -7.38 10.93 -19.85
C ARG B 59 -7.41 9.63 -19.10
N PHE B 60 -6.25 9.26 -18.53
CA PHE B 60 -6.16 8.01 -17.79
C PHE B 60 -5.22 8.14 -16.61
N VAL B 61 -5.66 7.58 -15.48
CA VAL B 61 -4.85 7.54 -14.29
C VAL B 61 -4.57 6.08 -14.01
N TYR B 62 -3.29 5.74 -13.91
CA TYR B 62 -2.92 4.37 -13.67
C TYR B 62 -2.62 4.09 -12.22
N THR B 63 -2.72 2.82 -11.83
CA THR B 63 -2.48 2.37 -10.47
C THR B 63 -2.22 0.87 -10.56
N PRO B 64 -1.50 0.25 -9.61
CA PRO B 64 -1.32 -1.19 -9.66
C PRO B 64 -2.58 -2.00 -9.82
N ALA B 65 -2.41 -3.23 -10.34
CA ALA B 65 -3.50 -4.14 -10.56
C ALA B 65 -4.30 -4.64 -9.41
N MET B 66 -3.61 -4.79 -8.28
CA MET B 66 -4.24 -5.30 -7.07
C MET B 66 -3.93 -4.48 -5.83
N GLU B 67 -4.96 -4.30 -4.99
CA GLU B 67 -4.86 -3.51 -3.76
C GLU B 67 -3.66 -3.93 -2.92
N SER B 68 -3.49 -5.24 -2.71
CA SER B 68 -2.38 -5.74 -1.87
C SER B 68 -1.05 -5.13 -2.25
N VAL B 69 -0.89 -4.83 -3.54
CA VAL B 69 0.35 -4.24 -4.03
C VAL B 69 0.25 -2.74 -4.34
N CYS B 70 -0.70 -2.10 -3.63
CA CYS B 70 -0.92 -0.66 -3.66
C CYS B 70 -1.92 -0.03 -4.61
N GLY B 71 -2.68 -0.85 -5.34
CA GLY B 71 -3.64 -0.30 -6.29
C GLY B 71 -4.68 0.55 -5.59
N TYR B 72 -5.06 1.69 -6.20
CA TYR B 72 -6.06 2.58 -5.61
C TYR B 72 -7.45 2.13 -5.96
N PHE B 73 -8.38 2.24 -4.98
CA PHE B 73 -9.76 1.80 -5.23
C PHE B 73 -10.82 2.88 -5.06
N HIS B 74 -11.38 3.32 -6.21
CA HIS B 74 -12.39 4.37 -6.24
C HIS B 74 -13.83 3.88 -6.29
N ARG B 75 -14.67 4.33 -5.32
CA ARG B 75 -16.08 3.93 -5.27
C ARG B 75 -17.07 5.04 -4.93
N SER B 76 -17.33 5.95 -5.89
CA SER B 76 -18.30 7.02 -5.67
C SER B 76 -19.51 6.80 -6.55
N HIS B 77 -20.66 7.30 -6.09
CA HIS B 77 -21.96 7.20 -6.74
C HIS B 77 -22.22 8.19 -7.87
N ASN B 78 -21.76 9.43 -7.73
CA ASN B 78 -21.97 10.47 -8.73
C ASN B 78 -20.70 10.70 -9.52
N ARG B 79 -20.75 10.37 -10.83
CA ARG B 79 -19.58 10.52 -11.69
C ARG B 79 -19.13 11.93 -12.03
N SER B 80 -20.02 12.94 -11.89
CA SER B 80 -19.61 14.32 -12.12
C SER B 80 -18.85 14.92 -10.96
N GLU B 81 -18.76 14.16 -9.86
CA GLU B 81 -18.06 14.62 -8.67
C GLU B 81 -16.59 14.85 -8.99
N GLU B 82 -16.02 15.90 -8.37
CA GLU B 82 -14.62 16.24 -8.62
C GLU B 82 -13.67 15.88 -7.49
N PHE B 83 -12.48 15.41 -7.92
CA PHE B 83 -11.41 14.97 -7.04
C PHE B 83 -10.09 15.70 -7.24
N LEU B 84 -9.25 15.71 -6.18
CA LEU B 84 -7.91 16.29 -6.28
C LEU B 84 -7.00 15.10 -6.27
N ILE B 85 -6.32 14.86 -7.41
CA ILE B 85 -5.43 13.74 -7.56
C ILE B 85 -4.04 14.30 -7.67
N ALA B 86 -3.16 13.93 -6.72
CA ALA B 86 -1.78 14.36 -6.80
C ALA B 86 -1.00 13.13 -7.19
N GLY B 87 -0.42 13.11 -8.40
CA GLY B 87 0.26 11.90 -8.82
C GLY B 87 1.60 12.10 -9.50
N LYS B 88 2.29 10.96 -9.72
CA LYS B 88 3.59 10.97 -10.36
C LYS B 88 3.46 10.61 -11.83
N LEU B 89 4.54 10.79 -12.60
CA LEU B 89 4.49 10.48 -14.02
C LEU B 89 5.51 9.43 -14.36
N GLN B 90 5.08 8.16 -14.47
CA GLN B 90 6.00 7.13 -14.95
C GLN B 90 5.80 7.19 -16.44
N ASP B 91 6.91 7.37 -17.20
CA ASP B 91 6.80 7.57 -18.64
C ASP B 91 6.07 8.89 -18.75
N GLY B 92 4.95 8.97 -19.50
CA GLY B 92 4.19 10.18 -19.59
C GLY B 92 2.82 9.94 -18.98
N LEU B 93 2.73 8.90 -18.13
CA LEU B 93 1.46 8.50 -17.54
C LEU B 93 1.33 8.81 -16.07
N LEU B 94 0.13 9.30 -15.69
CA LEU B 94 -0.16 9.65 -14.31
C LEU B 94 -0.43 8.39 -13.51
N HIS B 95 0.33 8.21 -12.43
CA HIS B 95 0.14 7.06 -11.58
C HIS B 95 -0.32 7.51 -10.21
N ILE B 96 -1.11 6.62 -9.60
CA ILE B 96 -1.72 6.83 -8.33
C ILE B 96 -1.55 5.55 -7.55
N THR B 97 -1.56 5.54 -6.22
CA THR B 97 -1.48 4.39 -5.38
C THR B 97 -2.34 4.62 -4.15
N THR B 98 -2.39 3.59 -3.28
CA THR B 98 -3.20 3.62 -2.06
C THR B 98 -2.95 4.85 -1.22
N CYS B 99 -1.71 5.34 -1.27
CA CYS B 99 -1.32 6.48 -0.45
C CYS B 99 -1.51 7.81 -1.15
N SER B 100 -1.47 7.78 -2.50
CA SER B 100 -1.63 9.01 -3.24
C SER B 100 -2.77 9.82 -2.67
N PHE B 101 -2.54 11.14 -2.54
CA PHE B 101 -3.56 12.03 -2.00
C PHE B 101 -4.67 12.20 -3.02
N VAL B 102 -5.82 11.56 -2.72
CA VAL B 102 -6.99 11.65 -3.56
C VAL B 102 -8.15 11.87 -2.64
N ALA B 103 -8.80 13.02 -2.81
CA ALA B 103 -9.93 13.34 -1.96
C ALA B 103 -10.87 14.17 -2.81
N PRO B 104 -12.20 14.09 -2.59
CA PRO B 104 -13.07 14.93 -3.37
C PRO B 104 -12.82 16.39 -3.05
N TRP B 105 -12.75 17.23 -4.11
CA TRP B 105 -12.51 18.67 -3.96
C TRP B 105 -13.42 19.33 -2.95
N ASN B 106 -14.70 18.96 -3.00
CA ASN B 106 -15.70 19.45 -2.09
C ASN B 106 -15.56 19.19 -0.63
N SER B 107 -14.77 18.17 -0.32
CA SER B 107 -14.54 17.83 1.08
C SER B 107 -13.38 18.63 1.64
N LEU B 108 -12.59 19.20 0.72
CA LEU B 108 -11.43 19.99 1.05
C LEU B 108 -11.70 21.31 1.71
N SER B 109 -10.98 21.57 2.82
CA SER B 109 -11.15 22.81 3.53
C SER B 109 -10.74 23.94 2.60
N LEU B 110 -11.19 25.14 2.92
CA LEU B 110 -10.91 26.37 2.15
C LEU B 110 -9.43 26.61 2.19
N ALA B 111 -8.81 26.28 3.33
CA ALA B 111 -7.37 26.42 3.50
C ALA B 111 -6.67 25.51 2.52
N GLN B 112 -6.96 24.19 2.59
CA GLN B 112 -6.34 23.23 1.67
C GLN B 112 -6.50 23.65 0.22
N ARG B 113 -7.70 24.13 -0.14
CA ARG B 113 -7.94 24.58 -1.51
C ARG B 113 -6.94 25.68 -1.85
N ARG B 114 -6.84 26.66 -0.95
CA ARG B 114 -5.93 27.79 -1.12
C ARG B 114 -4.47 27.35 -1.21
N GLY B 115 -4.14 26.29 -0.46
CA GLY B 115 -2.79 25.76 -0.48
C GLY B 115 -2.50 25.14 -1.83
N PHE B 116 -3.44 24.32 -2.30
CA PHE B 116 -3.24 23.70 -3.61
C PHE B 116 -3.16 24.74 -4.70
N THR B 117 -4.04 25.74 -4.64
CA THR B 117 -4.07 26.76 -5.68
C THR B 117 -2.89 27.70 -5.68
N LYS B 118 -2.41 28.09 -4.47
CA LYS B 118 -1.34 29.06 -4.38
C LYS B 118 -0.18 28.84 -3.42
N THR B 119 -0.44 28.46 -2.16
CA THR B 119 0.63 28.45 -1.14
C THR B 119 1.56 27.27 -0.97
N TYR B 120 1.18 26.03 -1.30
CA TYR B 120 2.09 24.91 -1.12
C TYR B 120 3.41 25.02 -1.85
N THR B 121 3.41 25.52 -3.10
CA THR B 121 4.65 25.69 -3.85
C THR B 121 5.69 26.43 -3.03
N VAL B 122 5.22 27.48 -2.33
CA VAL B 122 6.10 28.28 -1.51
C VAL B 122 6.97 27.45 -0.59
N GLY B 123 6.43 26.33 -0.08
CA GLY B 123 7.23 25.54 0.85
C GLY B 123 7.99 24.38 0.25
N CYS B 124 7.87 24.13 -1.06
CA CYS B 124 8.49 22.94 -1.64
C CYS B 124 10.01 22.82 -1.70
N GLU B 125 10.70 23.81 -2.27
CA GLU B 125 12.15 23.70 -2.45
C GLU B 125 12.98 23.70 -1.17
N GLU B 126 12.44 24.24 -0.07
CA GLU B 126 13.22 24.36 1.15
C GLU B 126 12.68 23.59 2.34
#